data_5GXD
#
_entry.id   5GXD
#
_cell.length_a   147.097
_cell.length_b   58.425
_cell.length_c   113.259
_cell.angle_alpha   90.00
_cell.angle_beta   128.45
_cell.angle_gamma   90.00
#
_symmetry.space_group_name_H-M   'C 1 2 1'
#
loop_
_entity.id
_entity.type
_entity.pdbx_description
1 polymer 'AMP-dependent synthetase and ligase'
2 non-polymer 'ADENOSINE MONOPHOSPHATE'
3 non-polymer 'ACRYLIC ACID'
4 non-polymer 'COENZYME A'
5 non-polymer GLYCEROL
6 water water
#
_entity_poly.entity_id   1
_entity_poly.type   'polypeptide(L)'
_entity_poly.pdbx_seq_one_letter_code
;MTYSQTYAAWKNDPEGFWMEAAQAIDWVTPPGAALNSDNAPLYEWFTDAEVNTCFNAVDRHVQAGNGDRVAIIHDSPVTH
TKQEITYAELQERVSLLAGALRAKGIEKGDRVLIYMPMVPQALEAMLACARLGAIHSVVFGGFAANELAVRIDDATPKAI
IAASCGIEPGRVVHYKPLLDGAIDLATHKPDFCLIFQREQEVAHLEPGRDFDWHEAQYGVDPAECVPVAGNHPAYILYTS
GTTGQPKGVLRPTAGHLVALNWTMKNIYNVDPGDVFWAASDVGWVVGHSYICYAPLIHGNTTIVFEGKPVGTPDAGTFWR
VISEHKVKSFFTAPTALRAVKREDPNGEFIGKYDLSHLKTVYLAGERADPDTIQWTMDKLGVPVIDHWWQTETGWAIAAN
PMGIEHLPVKIGSPSVAMPGYDVQVLDEGGHPVAPGTLGAIAVKLPLAPGTLPNLWQAEERFVKSYLTTFPGYYETGDAG
YIDEDGYLYIMARTDDVINVAGHRLSTGAMEEVLASHPDVAECAVIGVSDTLKGQMPLGFLCLSAGVNRPHDEIAKECVK
LVREKIGPVAAFKLACVVDRLPKTRSGKILRGTMVNIADGTPWKMPATIDDPAILDEITEALGKLGYPAS
;
_entity_poly.pdbx_strand_id   A
#
# COMPACT_ATOMS: atom_id res chain seq x y z
N THR A 2 -9.09 8.57 28.06
CA THR A 2 -7.67 8.71 27.73
C THR A 2 -7.19 7.49 26.96
N TYR A 3 -6.04 7.60 26.27
CA TYR A 3 -5.59 6.43 25.52
C TYR A 3 -5.13 5.32 26.45
N SER A 4 -4.46 5.67 27.55
CA SER A 4 -4.12 4.65 28.54
C SER A 4 -5.34 3.84 28.95
N GLN A 5 -6.47 4.50 29.20
CA GLN A 5 -7.69 3.79 29.56
C GLN A 5 -8.17 2.88 28.44
N THR A 6 -8.17 3.38 27.20
CA THR A 6 -8.57 2.56 26.06
C THR A 6 -7.68 1.34 25.90
N TYR A 7 -6.36 1.55 25.90
CA TYR A 7 -5.44 0.44 25.68
C TYR A 7 -5.53 -0.56 26.82
N ALA A 8 -5.65 -0.08 28.06
CA ALA A 8 -5.80 -1.02 29.17
C ALA A 8 -7.14 -1.77 29.10
N ALA A 9 -8.20 -1.12 28.62
CA ALA A 9 -9.47 -1.80 28.47
C ALA A 9 -9.37 -2.93 27.47
N TRP A 10 -8.59 -2.74 26.41
CA TRP A 10 -8.37 -3.82 25.46
C TRP A 10 -7.54 -4.94 26.09
N LYS A 11 -6.42 -4.59 26.74
CA LYS A 11 -5.58 -5.60 27.37
C LYS A 11 -6.36 -6.45 28.38
N ASN A 12 -7.23 -5.81 29.16
CA ASN A 12 -7.96 -6.48 30.23
C ASN A 12 -9.15 -7.28 29.73
N ASP A 13 -9.72 -6.94 28.58
CA ASP A 13 -10.83 -7.70 28.05
C ASP A 13 -10.86 -7.59 26.52
N PRO A 14 -9.96 -8.28 25.82
CA PRO A 14 -9.92 -8.13 24.35
C PRO A 14 -11.21 -8.57 23.66
N GLU A 15 -11.85 -9.64 24.14
CA GLU A 15 -13.12 -10.05 23.53
C GLU A 15 -14.17 -8.95 23.67
N GLY A 16 -14.36 -8.44 24.88
CA GLY A 16 -15.35 -7.40 25.07
C GLY A 16 -15.02 -6.16 24.25
N PHE A 17 -13.75 -5.83 24.14
CA PHE A 17 -13.34 -4.64 23.38
C PHE A 17 -13.72 -4.77 21.92
N TRP A 18 -13.39 -5.90 21.30
CA TRP A 18 -13.67 -6.06 19.88
C TRP A 18 -15.14 -6.37 19.59
N MET A 19 -15.81 -7.10 20.49
CA MET A 19 -17.24 -7.32 20.30
C MET A 19 -18.01 -6.00 20.36
N GLU A 20 -17.58 -5.08 21.24
CA GLU A 20 -18.23 -3.77 21.28
C GLU A 20 -17.99 -3.00 20.00
N ALA A 21 -16.75 -3.01 19.51
CA ALA A 21 -16.46 -2.36 18.24
C ALA A 21 -17.25 -3.00 17.10
N ALA A 22 -17.50 -4.32 17.20
CA ALA A 22 -18.28 -4.99 16.16
C ALA A 22 -19.72 -4.52 16.11
N GLN A 23 -20.20 -3.86 17.18
CA GLN A 23 -21.57 -3.36 17.18
C GLN A 23 -21.80 -2.28 16.12
N ALA A 24 -20.75 -1.63 15.65
CA ALA A 24 -20.93 -0.54 14.69
C ALA A 24 -21.21 -1.04 13.28
N ILE A 25 -21.11 -2.34 13.05
CA ILE A 25 -21.24 -2.94 11.73
C ILE A 25 -22.63 -3.57 11.62
N ASP A 26 -23.25 -3.46 10.44
CA ASP A 26 -24.54 -4.07 10.18
C ASP A 26 -24.31 -5.51 9.67
N TRP A 27 -24.64 -6.50 10.50
CA TRP A 27 -24.38 -7.90 10.21
C TRP A 27 -25.62 -8.56 9.61
N VAL A 28 -25.39 -9.48 8.68
CA VAL A 28 -26.45 -10.44 8.34
C VAL A 28 -26.62 -11.44 9.48
N THR A 29 -25.50 -11.97 9.97
CA THR A 29 -25.48 -12.80 11.18
C THR A 29 -24.35 -12.25 12.03
N PRO A 30 -24.63 -11.72 13.21
CA PRO A 30 -23.55 -11.13 14.00
C PRO A 30 -22.64 -12.22 14.52
N PRO A 31 -21.35 -11.93 14.70
CA PRO A 31 -20.47 -12.94 15.28
C PRO A 31 -20.86 -13.17 16.72
N GLY A 32 -20.59 -14.38 17.21
CA GLY A 32 -20.86 -14.66 18.60
C GLY A 32 -19.69 -14.41 19.51
N ALA A 33 -18.51 -14.21 18.93
CA ALA A 33 -17.28 -13.99 19.68
C ALA A 33 -16.29 -13.40 18.70
N ALA A 34 -15.13 -12.96 19.21
CA ALA A 34 -14.18 -12.29 18.33
C ALA A 34 -13.10 -13.25 17.84
N LEU A 35 -12.18 -13.62 18.73
CA LEU A 35 -11.04 -14.45 18.36
C LEU A 35 -11.48 -15.89 18.12
N ASN A 36 -11.01 -16.48 17.01
CA ASN A 36 -11.11 -17.91 16.73
C ASN A 36 -9.69 -18.45 16.83
N SER A 37 -9.37 -19.16 17.91
CA SER A 37 -8.04 -19.70 18.09
C SER A 37 -7.94 -21.19 17.74
N ASP A 38 -8.96 -21.75 17.09
CA ASP A 38 -8.99 -23.20 16.86
C ASP A 38 -7.83 -23.68 15.99
N ASN A 39 -7.28 -22.81 15.15
CA ASN A 39 -6.15 -23.16 14.30
C ASN A 39 -4.89 -22.39 14.66
N ALA A 40 -4.78 -21.93 15.90
CA ALA A 40 -3.54 -21.29 16.38
C ALA A 40 -2.34 -22.12 15.94
N PRO A 41 -1.26 -21.46 15.49
CA PRO A 41 -1.04 -20.01 15.53
C PRO A 41 -1.66 -19.24 14.35
N LEU A 42 -2.51 -19.90 13.56
CA LEU A 42 -3.20 -19.21 12.46
C LEU A 42 -4.54 -18.71 13.00
N TYR A 43 -4.47 -17.62 13.76
CA TYR A 43 -5.65 -17.03 14.38
C TYR A 43 -6.53 -16.35 13.34
N GLU A 44 -7.83 -16.32 13.61
CA GLU A 44 -8.80 -15.64 12.76
C GLU A 44 -9.81 -14.95 13.66
N TRP A 45 -10.59 -14.04 13.07
CA TRP A 45 -11.50 -13.18 13.82
C TRP A 45 -12.89 -13.22 13.21
N PHE A 46 -13.91 -13.25 14.08
CA PHE A 46 -15.30 -13.10 13.67
C PHE A 46 -15.71 -14.11 12.59
N THR A 47 -15.25 -15.36 12.73
CA THR A 47 -15.38 -16.31 11.64
C THR A 47 -16.81 -16.79 11.46
N ASP A 48 -17.64 -16.70 12.49
CA ASP A 48 -19.03 -17.15 12.42
C ASP A 48 -20.00 -16.07 12.03
N ALA A 49 -19.52 -14.88 11.69
CA ALA A 49 -20.40 -13.83 11.23
C ALA A 49 -20.79 -14.07 9.78
N GLU A 50 -21.88 -13.41 9.37
CA GLU A 50 -22.23 -13.21 7.97
C GLU A 50 -22.45 -11.72 7.75
N VAL A 51 -21.97 -11.22 6.62
CA VAL A 51 -21.90 -9.78 6.42
C VAL A 51 -21.64 -9.50 4.94
N ASN A 52 -21.83 -8.26 4.52
CA ASN A 52 -21.38 -7.83 3.20
C ASN A 52 -20.71 -6.47 3.32
N THR A 53 -19.52 -6.36 2.72
CA THR A 53 -18.77 -5.12 2.81
C THR A 53 -19.47 -3.99 2.07
N CYS A 54 -20.02 -4.26 0.88
CA CYS A 54 -20.63 -3.19 0.11
C CYS A 54 -21.88 -2.68 0.80
N PHE A 55 -22.59 -3.54 1.53
CA PHE A 55 -23.79 -3.08 2.22
C PHE A 55 -23.42 -2.07 3.29
N ASN A 56 -22.32 -2.33 4.00
CA ASN A 56 -21.88 -1.43 5.06
C ASN A 56 -21.19 -0.17 4.54
N ALA A 57 -20.63 -0.23 3.36
CA ALA A 57 -19.96 0.91 2.79
C ALA A 57 -20.86 1.85 1.95
N VAL A 58 -22.00 1.34 1.52
CA VAL A 58 -22.92 2.03 0.64
C VAL A 58 -24.40 1.97 1.05
N ASP A 59 -25.05 0.87 0.74
CA ASP A 59 -26.48 0.70 0.98
C ASP A 59 -26.99 1.17 2.33
N ARG A 60 -26.34 0.76 3.39
CA ARG A 60 -26.76 1.12 4.71
C ARG A 60 -26.89 2.62 4.91
N HIS A 61 -26.00 3.38 4.31
CA HIS A 61 -26.06 4.83 4.44
C HIS A 61 -27.24 5.41 3.67
N VAL A 62 -27.59 4.80 2.53
CA VAL A 62 -28.81 5.19 1.83
C VAL A 62 -30.03 4.87 2.69
N GLN A 63 -30.05 3.68 3.27
CA GLN A 63 -31.20 3.26 4.06
C GLN A 63 -31.34 4.08 5.33
N ALA A 64 -30.25 4.69 5.80
CA ALA A 64 -30.31 5.53 6.98
C ALA A 64 -30.75 6.95 6.66
N GLY A 65 -31.05 7.25 5.40
CA GLY A 65 -31.46 8.58 5.00
C GLY A 65 -30.34 9.49 4.55
N ASN A 66 -29.13 8.98 4.37
CA ASN A 66 -28.00 9.78 3.95
C ASN A 66 -27.65 9.56 2.48
N GLY A 67 -28.65 9.19 1.68
CA GLY A 67 -28.41 8.95 0.26
C GLY A 67 -27.91 10.17 -0.48
N ASP A 68 -28.28 11.38 -0.04
CA ASP A 68 -27.82 12.58 -0.72
C ASP A 68 -26.48 13.08 -0.20
N ARG A 69 -25.93 12.47 0.86
CA ARG A 69 -24.57 12.78 1.28
C ARG A 69 -23.59 12.44 0.15
N VAL A 70 -22.56 13.26 -0.04
CA VAL A 70 -21.56 12.93 -1.05
C VAL A 70 -20.69 11.77 -0.55
N ALA A 71 -20.58 10.73 -1.37
CA ALA A 71 -19.74 9.59 -1.02
C ALA A 71 -18.33 9.73 -1.60
N ILE A 72 -18.22 10.08 -2.89
CA ILE A 72 -16.93 10.14 -3.56
C ILE A 72 -16.79 11.48 -4.28
N ILE A 73 -15.65 12.13 -4.10
CA ILE A 73 -15.27 13.28 -4.92
C ILE A 73 -14.08 12.88 -5.76
N HIS A 74 -14.24 12.96 -7.08
CA HIS A 74 -13.13 12.77 -8.00
C HIS A 74 -12.55 14.14 -8.32
N ASP A 75 -11.27 14.33 -8.03
CA ASP A 75 -10.61 15.59 -8.38
C ASP A 75 -9.38 15.22 -9.20
N SER A 76 -9.46 15.45 -10.51
CA SER A 76 -8.46 14.99 -11.48
C SER A 76 -7.90 16.21 -12.19
N PRO A 77 -6.91 16.88 -11.63
CA PRO A 77 -6.31 18.02 -12.34
C PRO A 77 -5.65 17.62 -13.64
N VAL A 78 -5.22 16.36 -13.79
CA VAL A 78 -4.62 15.93 -15.05
C VAL A 78 -5.65 15.81 -16.15
N THR A 79 -6.95 15.72 -15.83
CA THR A 79 -7.97 15.80 -16.83
C THR A 79 -8.89 17.00 -16.59
N HIS A 80 -8.47 17.95 -15.76
CA HIS A 80 -9.23 19.15 -15.39
C HIS A 80 -10.69 18.82 -15.10
N THR A 81 -10.90 17.82 -14.26
CA THR A 81 -12.23 17.29 -14.00
C THR A 81 -12.48 17.21 -12.51
N LYS A 82 -13.70 17.55 -12.12
CA LYS A 82 -14.21 17.38 -10.76
C LYS A 82 -15.58 16.73 -10.88
N GLN A 83 -15.79 15.64 -10.15
CA GLN A 83 -17.07 14.94 -10.15
C GLN A 83 -17.43 14.53 -8.73
N GLU A 84 -18.67 14.74 -8.35
CA GLU A 84 -19.14 14.30 -7.04
C GLU A 84 -20.21 13.22 -7.21
N ILE A 85 -20.18 12.20 -6.35
CA ILE A 85 -21.10 11.07 -6.43
C ILE A 85 -21.71 10.87 -5.06
N THR A 86 -23.04 10.91 -4.97
CA THR A 86 -23.66 10.71 -3.67
C THR A 86 -23.70 9.22 -3.30
N TYR A 87 -24.08 8.95 -2.06
CA TYR A 87 -24.26 7.56 -1.65
C TYR A 87 -25.37 6.86 -2.43
N ALA A 88 -26.47 7.57 -2.70
CA ALA A 88 -27.55 6.97 -3.48
C ALA A 88 -27.10 6.68 -4.91
N GLU A 89 -26.42 7.65 -5.55
CA GLU A 89 -25.86 7.42 -6.88
C GLU A 89 -24.86 6.27 -6.87
N LEU A 90 -24.00 6.20 -5.84
CA LEU A 90 -23.01 5.12 -5.77
C LEU A 90 -23.69 3.76 -5.64
N GLN A 91 -24.76 3.67 -4.84
CA GLN A 91 -25.51 2.42 -4.75
C GLN A 91 -26.02 1.98 -6.11
N GLU A 92 -26.56 2.91 -6.91
CA GLU A 92 -27.05 2.54 -8.22
C GLU A 92 -25.91 2.06 -9.12
N ARG A 93 -24.81 2.81 -9.14
CA ARG A 93 -23.69 2.43 -10.01
C ARG A 93 -23.10 1.08 -9.63
N VAL A 94 -22.90 0.86 -8.32
CA VAL A 94 -22.23 -0.37 -7.91
C VAL A 94 -23.14 -1.57 -8.09
N SER A 95 -24.44 -1.41 -7.81
CA SER A 95 -25.31 -2.57 -7.92
C SER A 95 -25.54 -2.98 -9.38
N LEU A 96 -25.59 -1.99 -10.30
CA LEU A 96 -25.71 -2.32 -11.71
C LEU A 96 -24.41 -2.87 -12.28
N LEU A 97 -23.27 -2.32 -11.87
CA LEU A 97 -21.99 -2.87 -12.30
C LEU A 97 -21.84 -4.31 -11.80
N ALA A 98 -22.21 -4.57 -10.55
CA ALA A 98 -22.18 -5.94 -10.03
C ALA A 98 -23.09 -6.84 -10.86
N GLY A 99 -24.26 -6.33 -11.24
CA GLY A 99 -25.14 -7.10 -12.11
C GLY A 99 -24.51 -7.44 -13.43
N ALA A 100 -23.74 -6.51 -14.01
CA ALA A 100 -23.08 -6.81 -15.26
C ALA A 100 -21.99 -7.87 -15.06
N LEU A 101 -21.26 -7.78 -13.95
CA LEU A 101 -20.22 -8.78 -13.70
C LEU A 101 -20.84 -10.16 -13.52
N ARG A 102 -21.95 -10.24 -12.79
CA ARG A 102 -22.68 -11.49 -12.61
C ARG A 102 -23.20 -12.03 -13.93
N ALA A 103 -23.74 -11.17 -14.79
CA ALA A 103 -24.27 -11.62 -16.07
C ALA A 103 -23.18 -12.23 -16.94
N LYS A 104 -21.94 -11.80 -16.80
CA LYS A 104 -20.84 -12.41 -17.53
C LYS A 104 -20.14 -13.54 -16.74
N GLY A 105 -20.74 -14.02 -15.66
CA GLY A 105 -20.26 -15.23 -15.02
C GLY A 105 -19.55 -15.08 -13.68
N ILE A 106 -19.36 -13.86 -13.17
CA ILE A 106 -18.66 -13.67 -11.91
C ILE A 106 -19.52 -14.17 -10.76
N GLU A 107 -18.93 -15.03 -9.94
CA GLU A 107 -19.61 -15.62 -8.79
C GLU A 107 -18.82 -15.35 -7.50
N LYS A 108 -19.51 -15.51 -6.39
CA LYS A 108 -18.85 -15.45 -5.09
C LYS A 108 -17.61 -16.33 -5.07
N GLY A 109 -16.48 -15.76 -4.65
CA GLY A 109 -15.23 -16.49 -4.59
C GLY A 109 -14.34 -16.38 -5.81
N ASP A 110 -14.89 -15.99 -6.97
CA ASP A 110 -14.08 -15.69 -8.14
C ASP A 110 -13.17 -14.49 -7.90
N ARG A 111 -11.96 -14.52 -8.45
CA ARG A 111 -11.07 -13.38 -8.36
C ARG A 111 -11.26 -12.48 -9.58
N VAL A 112 -11.17 -11.16 -9.35
CA VAL A 112 -11.28 -10.18 -10.42
C VAL A 112 -10.13 -9.22 -10.22
N LEU A 113 -9.19 -9.19 -11.17
CA LEU A 113 -8.07 -8.27 -11.07
C LEU A 113 -8.51 -6.91 -11.59
N ILE A 114 -7.98 -5.86 -10.97
CA ILE A 114 -8.33 -4.50 -11.31
C ILE A 114 -7.06 -3.74 -11.62
N TYR A 115 -7.00 -3.14 -12.81
CA TYR A 115 -5.81 -2.44 -13.30
C TYR A 115 -6.28 -1.08 -13.79
N MET A 116 -6.32 -0.11 -12.89
CA MET A 116 -6.98 1.16 -13.20
C MET A 116 -6.26 2.33 -12.56
N PRO A 117 -6.34 3.50 -13.19
CA PRO A 117 -5.84 4.73 -12.59
C PRO A 117 -6.83 5.26 -11.57
N MET A 118 -6.57 6.46 -11.04
CA MET A 118 -7.37 7.02 -9.96
C MET A 118 -8.63 7.68 -10.52
N VAL A 119 -9.63 6.84 -10.76
CA VAL A 119 -10.93 7.30 -11.24
C VAL A 119 -11.97 6.70 -10.30
N PRO A 120 -13.15 7.32 -10.15
CA PRO A 120 -14.14 6.74 -9.25
C PRO A 120 -14.56 5.33 -9.68
N GLN A 121 -14.48 5.04 -10.98
CA GLN A 121 -14.80 3.69 -11.46
C GLN A 121 -13.94 2.63 -10.80
N ALA A 122 -12.72 2.97 -10.37
CA ALA A 122 -11.88 2.00 -9.66
C ALA A 122 -12.52 1.59 -8.33
N LEU A 123 -13.04 2.57 -7.57
CA LEU A 123 -13.75 2.23 -6.34
C LEU A 123 -15.03 1.48 -6.63
N GLU A 124 -15.76 1.90 -7.67
CA GLU A 124 -16.99 1.20 -8.02
C GLU A 124 -16.73 -0.27 -8.35
N ALA A 125 -15.60 -0.55 -9.00
CA ALA A 125 -15.22 -1.92 -9.34
C ALA A 125 -14.88 -2.72 -8.09
N MET A 126 -14.09 -2.13 -7.19
CA MET A 126 -13.79 -2.78 -5.93
C MET A 126 -15.07 -3.11 -5.16
N LEU A 127 -15.96 -2.13 -5.03
CA LEU A 127 -17.20 -2.30 -4.28
C LEU A 127 -18.15 -3.28 -4.98
N ALA A 128 -18.15 -3.31 -6.31
CA ALA A 128 -19.00 -4.27 -7.02
C ALA A 128 -18.53 -5.70 -6.78
N CYS A 129 -17.21 -5.94 -6.81
CA CYS A 129 -16.71 -7.26 -6.47
C CYS A 129 -17.11 -7.64 -5.04
N ALA A 130 -16.95 -6.70 -4.10
CA ALA A 130 -17.32 -6.95 -2.71
C ALA A 130 -18.80 -7.27 -2.58
N ARG A 131 -19.65 -6.58 -3.36
CA ARG A 131 -21.09 -6.82 -3.35
C ARG A 131 -21.42 -8.25 -3.78
N LEU A 132 -20.69 -8.79 -4.76
CA LEU A 132 -20.93 -10.16 -5.23
C LEU A 132 -20.25 -11.21 -4.37
N GLY A 133 -19.42 -10.80 -3.41
CA GLY A 133 -18.58 -11.78 -2.76
C GLY A 133 -17.43 -12.26 -3.62
N ALA A 134 -17.19 -11.61 -4.75
CA ALA A 134 -15.97 -11.85 -5.51
C ALA A 134 -14.78 -11.28 -4.75
N ILE A 135 -13.58 -11.69 -5.17
CA ILE A 135 -12.34 -11.35 -4.46
C ILE A 135 -11.50 -10.51 -5.40
N HIS A 136 -11.45 -9.18 -5.19
CA HIS A 136 -10.71 -8.37 -6.14
C HIS A 136 -9.23 -8.39 -5.81
N SER A 137 -8.41 -8.10 -6.83
CA SER A 137 -6.99 -7.83 -6.60
C SER A 137 -6.59 -6.63 -7.45
N VAL A 138 -6.37 -5.49 -6.79
CA VAL A 138 -6.02 -4.25 -7.46
C VAL A 138 -4.51 -4.19 -7.65
N VAL A 139 -4.11 -3.84 -8.87
CA VAL A 139 -2.70 -3.78 -9.26
C VAL A 139 -2.36 -2.34 -9.59
N PHE A 140 -1.37 -1.79 -8.89
CA PHE A 140 -0.91 -0.43 -9.12
C PHE A 140 -0.56 -0.21 -10.59
N GLY A 141 -1.05 0.90 -11.14
CA GLY A 141 -0.89 1.18 -12.56
C GLY A 141 0.53 1.54 -12.97
N GLY A 142 1.42 1.70 -12.00
CA GLY A 142 2.83 1.92 -12.27
C GLY A 142 3.64 0.65 -12.41
N PHE A 143 3.00 -0.50 -12.33
CA PHE A 143 3.67 -1.77 -12.61
C PHE A 143 3.58 -2.11 -14.10
N ALA A 144 4.58 -2.85 -14.55
CA ALA A 144 4.76 -3.22 -15.94
C ALA A 144 3.92 -4.46 -16.27
N ALA A 145 3.95 -4.84 -17.56
CA ALA A 145 3.12 -5.95 -18.02
C ALA A 145 3.54 -7.27 -17.36
N ASN A 146 4.83 -7.47 -17.13
CA ASN A 146 5.28 -8.73 -16.54
C ASN A 146 4.81 -8.86 -15.10
N GLU A 147 4.90 -7.79 -14.33
CA GLU A 147 4.40 -7.81 -12.95
C GLU A 147 2.91 -8.08 -12.90
N LEU A 148 2.15 -7.47 -13.81
CA LEU A 148 0.73 -7.77 -13.91
C LEU A 148 0.51 -9.23 -14.30
N ALA A 149 1.36 -9.77 -15.13
CA ALA A 149 1.23 -11.17 -15.51
C ALA A 149 1.47 -12.16 -14.33
N VAL A 150 2.45 -11.86 -13.50
CA VAL A 150 2.74 -12.68 -12.36
C VAL A 150 1.45 -12.76 -11.52
N ARG A 151 0.83 -11.63 -11.31
CA ARG A 151 -0.40 -11.58 -10.53
C ARG A 151 -1.55 -12.33 -11.13
N ILE A 152 -1.70 -12.22 -12.42
CA ILE A 152 -2.74 -12.93 -13.11
C ILE A 152 -2.53 -14.45 -12.86
N ASP A 153 -1.32 -14.91 -13.05
CA ASP A 153 -1.01 -16.32 -12.88
C ASP A 153 -1.27 -16.76 -11.42
N ASP A 154 -0.90 -15.94 -10.46
CA ASP A 154 -1.04 -16.36 -9.07
C ASP A 154 -2.51 -16.35 -8.61
N ALA A 155 -3.26 -15.32 -9.01
CA ALA A 155 -4.63 -15.15 -8.53
C ALA A 155 -5.69 -15.85 -9.38
N THR A 156 -5.33 -16.29 -10.58
CA THR A 156 -6.22 -16.91 -11.57
C THR A 156 -7.61 -16.23 -11.67
N PRO A 157 -7.65 -14.95 -12.01
CA PRO A 157 -8.93 -14.24 -12.05
C PRO A 157 -9.80 -14.68 -13.22
N LYS A 158 -11.11 -14.74 -12.98
CA LYS A 158 -12.04 -15.00 -14.07
C LYS A 158 -12.21 -13.77 -14.97
N ALA A 159 -11.95 -12.58 -14.44
CA ALA A 159 -12.10 -11.36 -15.22
C ALA A 159 -11.03 -10.36 -14.79
N ILE A 160 -10.77 -9.38 -15.66
CA ILE A 160 -9.90 -8.26 -15.34
C ILE A 160 -10.64 -7.00 -15.74
N ILE A 161 -10.67 -6.03 -14.84
CA ILE A 161 -11.32 -4.73 -15.08
C ILE A 161 -10.21 -3.71 -15.26
N ALA A 162 -10.32 -2.87 -16.30
CA ALA A 162 -9.26 -1.93 -16.56
C ALA A 162 -9.81 -0.68 -17.24
N ALA A 163 -9.03 0.40 -17.21
CA ALA A 163 -9.33 1.60 -17.97
C ALA A 163 -8.41 1.68 -19.18
N SER A 164 -8.78 2.56 -20.13
CA SER A 164 -7.97 2.65 -21.35
C SER A 164 -6.62 3.29 -21.07
N CYS A 165 -6.58 4.28 -20.17
CA CYS A 165 -5.33 5.00 -19.96
C CYS A 165 -5.37 5.75 -18.63
N GLY A 166 -4.19 6.26 -18.25
CA GLY A 166 -4.09 7.24 -17.20
C GLY A 166 -3.04 8.27 -17.58
N ILE A 167 -2.92 9.32 -16.76
CA ILE A 167 -2.07 10.47 -17.06
C ILE A 167 -1.01 10.61 -15.97
N GLU A 168 0.26 10.55 -16.36
CA GLU A 168 1.36 10.97 -15.52
C GLU A 168 1.98 12.23 -16.11
N PRO A 169 2.70 13.02 -15.29
CA PRO A 169 3.38 14.20 -15.82
C PRO A 169 4.16 13.94 -17.10
N GLY A 170 3.74 14.57 -18.19
CA GLY A 170 4.39 14.43 -19.48
C GLY A 170 4.32 13.06 -20.11
N ARG A 171 3.31 12.27 -19.78
CA ARG A 171 3.24 10.91 -20.32
C ARG A 171 1.83 10.35 -20.11
N VAL A 172 1.29 9.73 -21.14
CA VAL A 172 0.07 8.94 -21.02
C VAL A 172 0.46 7.51 -20.66
N VAL A 173 -0.17 6.96 -19.63
CA VAL A 173 0.07 5.56 -19.23
C VAL A 173 -0.84 4.66 -20.04
N HIS A 174 -0.25 3.72 -20.79
CA HIS A 174 -1.01 2.92 -21.76
C HIS A 174 -1.55 1.66 -21.10
N TYR A 175 -2.55 1.85 -20.25
CA TYR A 175 -3.12 0.74 -19.47
C TYR A 175 -3.55 -0.42 -20.36
N LYS A 176 -4.39 -0.17 -21.35
CA LYS A 176 -4.92 -1.30 -22.14
C LYS A 176 -3.83 -2.03 -22.92
N PRO A 177 -2.92 -1.35 -23.64
CA PRO A 177 -1.80 -2.10 -24.23
C PRO A 177 -0.96 -2.87 -23.20
N LEU A 178 -0.75 -2.31 -22.01
CA LEU A 178 0.00 -3.04 -20.99
C LEU A 178 -0.77 -4.26 -20.52
N LEU A 179 -2.10 -4.13 -20.38
CA LEU A 179 -2.92 -5.29 -20.05
C LEU A 179 -2.85 -6.36 -21.13
N ASP A 180 -2.93 -5.94 -22.40
CA ASP A 180 -2.84 -6.89 -23.50
C ASP A 180 -1.55 -7.70 -23.44
N GLY A 181 -0.42 -7.02 -23.19
CA GLY A 181 0.85 -7.72 -23.13
C GLY A 181 0.96 -8.61 -21.90
N ALA A 182 0.38 -8.16 -20.79
CA ALA A 182 0.36 -8.98 -19.57
C ALA A 182 -0.44 -10.25 -19.77
N ILE A 183 -1.62 -10.15 -20.38
CA ILE A 183 -2.43 -11.35 -20.61
C ILE A 183 -1.69 -12.32 -21.52
N ASP A 184 -1.00 -11.80 -22.55
CA ASP A 184 -0.22 -12.68 -23.41
C ASP A 184 0.90 -13.35 -22.63
N LEU A 185 1.53 -12.63 -21.71
CA LEU A 185 2.62 -13.22 -20.92
C LEU A 185 2.10 -14.27 -19.95
N ALA A 186 0.88 -14.10 -19.44
CA ALA A 186 0.37 -15.00 -18.43
C ALA A 186 0.00 -16.36 -19.04
N THR A 187 0.18 -17.40 -18.24
CA THR A 187 -0.32 -18.71 -18.62
C THR A 187 -1.83 -18.80 -18.42
N HIS A 188 -2.31 -18.36 -17.26
CA HIS A 188 -3.76 -18.34 -17.03
C HIS A 188 -4.40 -17.21 -17.83
N LYS A 189 -5.55 -17.49 -18.43
CA LYS A 189 -6.21 -16.47 -19.23
C LYS A 189 -7.59 -16.14 -18.65
N PRO A 190 -7.95 -14.88 -18.56
CA PRO A 190 -9.27 -14.52 -18.03
C PRO A 190 -10.38 -14.88 -19.01
N ASP A 191 -11.58 -15.09 -18.47
CA ASP A 191 -12.75 -15.28 -19.32
C ASP A 191 -13.07 -14.02 -20.11
N PHE A 192 -13.05 -12.86 -19.46
CA PHE A 192 -13.40 -11.62 -20.14
C PHE A 192 -12.74 -10.46 -19.41
N CYS A 193 -12.71 -9.32 -20.10
CA CYS A 193 -12.24 -8.07 -19.53
C CYS A 193 -13.31 -7.01 -19.73
N LEU A 194 -13.35 -6.08 -18.78
CA LEU A 194 -14.24 -4.93 -18.81
C LEU A 194 -13.37 -3.68 -18.92
N ILE A 195 -13.63 -2.84 -19.93
CA ILE A 195 -12.72 -1.76 -20.28
C ILE A 195 -13.46 -0.43 -20.20
N PHE A 196 -13.02 0.43 -19.27
CA PHE A 196 -13.55 1.78 -19.10
C PHE A 196 -12.77 2.74 -19.98
N GLN A 197 -13.40 3.21 -21.06
CA GLN A 197 -12.76 4.13 -21.99
C GLN A 197 -12.61 5.52 -21.40
N ARG A 198 -11.43 6.12 -21.59
CA ARG A 198 -11.17 7.51 -21.27
C ARG A 198 -10.71 8.26 -22.50
N GLU A 199 -11.22 9.48 -22.69
CA GLU A 199 -11.05 10.15 -23.98
C GLU A 199 -9.61 10.53 -24.26
N GLN A 200 -8.72 10.55 -23.25
CA GLN A 200 -7.35 10.99 -23.48
C GLN A 200 -6.59 10.00 -24.37
N GLU A 201 -7.00 8.74 -24.37
CA GLU A 201 -6.39 7.73 -25.22
C GLU A 201 -7.28 6.51 -25.16
N VAL A 202 -8.02 6.26 -26.23
CA VAL A 202 -9.05 5.23 -26.22
C VAL A 202 -8.39 3.89 -26.43
N ALA A 203 -9.14 2.82 -26.14
CA ALA A 203 -8.58 1.48 -26.16
C ALA A 203 -9.22 0.64 -27.27
N HIS A 204 -8.42 -0.25 -27.81
CA HIS A 204 -8.90 -1.33 -28.67
C HIS A 204 -9.40 -2.50 -27.84
N LEU A 205 -10.57 -3.04 -28.20
CA LEU A 205 -11.14 -4.20 -27.53
C LEU A 205 -10.91 -5.46 -28.37
N GLU A 206 -10.33 -6.49 -27.77
CA GLU A 206 -10.21 -7.76 -28.47
C GLU A 206 -11.60 -8.39 -28.56
N PRO A 207 -12.11 -8.68 -29.76
CA PRO A 207 -13.49 -9.20 -29.87
C PRO A 207 -13.61 -10.55 -29.15
N GLY A 208 -14.75 -10.75 -28.50
CA GLY A 208 -15.00 -11.94 -27.72
C GLY A 208 -14.40 -11.95 -26.34
N ARG A 209 -13.41 -11.09 -26.06
CA ARG A 209 -12.76 -11.06 -24.75
C ARG A 209 -13.02 -9.77 -23.99
N ASP A 210 -12.88 -8.62 -24.65
CA ASP A 210 -12.96 -7.31 -24.01
C ASP A 210 -14.34 -6.69 -24.25
N PHE A 211 -14.94 -6.14 -23.20
CA PHE A 211 -16.24 -5.53 -23.31
C PHE A 211 -16.21 -4.13 -22.73
N ASP A 212 -17.00 -3.24 -23.34
CA ASP A 212 -17.05 -1.87 -22.89
C ASP A 212 -17.76 -1.77 -21.54
N TRP A 213 -17.15 -0.99 -20.63
CA TRP A 213 -17.69 -0.77 -19.29
C TRP A 213 -19.18 -0.42 -19.32
N HIS A 214 -19.56 0.54 -20.17
CA HIS A 214 -20.95 1.02 -20.17
C HIS A 214 -21.87 0.05 -20.89
N GLU A 215 -21.44 -0.41 -22.08
CA GLU A 215 -22.32 -1.26 -22.88
C GLU A 215 -22.63 -2.56 -22.17
N ALA A 216 -21.67 -3.08 -21.40
CA ALA A 216 -21.89 -4.34 -20.68
C ALA A 216 -22.95 -4.23 -19.60
N GLN A 217 -23.36 -3.02 -19.23
CA GLN A 217 -24.38 -2.81 -18.21
C GLN A 217 -25.76 -2.58 -18.80
N TYR A 218 -25.90 -2.52 -20.13
CA TYR A 218 -27.23 -2.35 -20.70
C TYR A 218 -28.09 -3.57 -20.42
N GLY A 219 -29.30 -3.33 -19.91
CA GLY A 219 -30.26 -4.39 -19.75
C GLY A 219 -30.00 -5.35 -18.61
N VAL A 220 -29.08 -5.03 -17.68
CA VAL A 220 -28.80 -5.93 -16.57
C VAL A 220 -29.67 -5.54 -15.38
N ASP A 221 -30.01 -6.57 -14.52
CA ASP A 221 -30.64 -6.25 -13.25
C ASP A 221 -29.58 -5.94 -12.21
N PRO A 222 -29.84 -5.03 -11.26
CA PRO A 222 -28.87 -4.78 -10.20
C PRO A 222 -28.75 -6.00 -9.30
N ALA A 223 -27.54 -6.30 -8.87
CA ALA A 223 -27.28 -7.42 -7.98
C ALA A 223 -27.46 -7.00 -6.53
N GLU A 224 -27.93 -7.95 -5.70
CA GLU A 224 -28.09 -7.75 -4.27
C GLU A 224 -26.75 -7.86 -3.56
N CYS A 225 -26.71 -7.43 -2.30
CA CYS A 225 -25.51 -7.65 -1.49
C CYS A 225 -25.47 -9.11 -1.05
N VAL A 226 -24.43 -9.84 -1.45
CA VAL A 226 -24.33 -11.26 -1.17
C VAL A 226 -23.74 -11.49 0.22
N PRO A 227 -24.41 -12.23 1.11
CA PRO A 227 -23.83 -12.48 2.44
C PRO A 227 -22.64 -13.42 2.35
N VAL A 228 -21.53 -13.05 2.98
CA VAL A 228 -20.35 -13.89 3.01
C VAL A 228 -19.91 -14.14 4.45
N ALA A 229 -19.15 -15.21 4.65
CA ALA A 229 -18.65 -15.55 5.97
C ALA A 229 -17.72 -14.47 6.51
N GLY A 230 -17.66 -14.37 7.85
CA GLY A 230 -16.76 -13.41 8.45
C GLY A 230 -15.32 -13.56 8.00
N ASN A 231 -14.90 -14.79 7.73
CA ASN A 231 -13.53 -15.02 7.29
C ASN A 231 -13.44 -15.26 5.77
N HIS A 232 -14.48 -14.91 5.03
CA HIS A 232 -14.37 -14.90 3.57
C HIS A 232 -13.40 -13.80 3.17
N PRO A 233 -12.51 -14.04 2.21
CA PRO A 233 -11.54 -13.00 1.83
C PRO A 233 -12.23 -11.83 1.15
N ALA A 234 -11.96 -10.62 1.64
CA ALA A 234 -12.47 -9.42 0.98
C ALA A 234 -11.68 -9.08 -0.26
N TYR A 235 -10.38 -9.36 -0.25
CA TYR A 235 -9.53 -9.07 -1.40
C TYR A 235 -8.18 -9.75 -1.20
N ILE A 236 -7.40 -9.74 -2.26
CA ILE A 236 -6.01 -10.15 -2.27
C ILE A 236 -5.22 -8.93 -2.72
N LEU A 237 -4.24 -8.54 -1.95
CA LEU A 237 -3.39 -7.42 -2.25
C LEU A 237 -1.92 -7.85 -2.25
N TYR A 238 -1.31 -7.90 -3.39
CA TYR A 238 0.09 -8.30 -3.50
C TYR A 238 1.03 -7.23 -3.02
N THR A 239 2.02 -7.64 -2.31
CA THR A 239 3.04 -6.78 -1.82
C THR A 239 4.41 -7.30 -2.29
N SER A 240 5.42 -6.51 -2.03
CA SER A 240 6.82 -6.75 -2.36
C SER A 240 7.29 -8.17 -2.46
N GLY A 241 7.64 -8.62 -3.66
CA GLY A 241 8.19 -9.96 -3.78
C GLY A 241 8.83 -10.37 -5.10
N THR A 242 9.47 -11.53 -5.07
CA THR A 242 10.10 -12.11 -6.23
C THR A 242 9.05 -12.91 -6.97
N THR A 243 9.26 -13.13 -8.26
CA THR A 243 8.26 -13.85 -9.05
C THR A 243 8.03 -15.24 -8.53
N GLY A 244 9.06 -15.84 -7.92
CA GLY A 244 8.93 -17.19 -7.39
C GLY A 244 8.15 -17.24 -6.08
N GLN A 245 8.07 -16.13 -5.34
CA GLN A 245 7.54 -16.12 -3.99
C GLN A 245 6.46 -15.03 -3.85
N PRO A 246 5.34 -15.17 -4.56
CA PRO A 246 4.30 -14.11 -4.53
C PRO A 246 3.65 -13.98 -3.16
N LYS A 247 3.48 -12.74 -2.70
CA LYS A 247 2.91 -12.46 -1.38
C LYS A 247 1.54 -11.80 -1.56
N GLY A 248 0.53 -12.64 -1.71
CA GLY A 248 -0.83 -12.16 -1.84
C GLY A 248 -1.48 -12.01 -0.49
N VAL A 249 -1.38 -10.81 0.10
CA VAL A 249 -1.99 -10.58 1.40
C VAL A 249 -3.51 -10.78 1.30
N LEU A 250 -4.05 -11.64 2.14
CA LEU A 250 -5.49 -11.84 2.24
C LEU A 250 -6.10 -10.92 3.30
N ARG A 251 -7.22 -10.30 2.96
CA ARG A 251 -7.93 -9.45 3.92
C ARG A 251 -9.26 -10.09 4.29
N PRO A 252 -9.47 -10.48 5.55
CA PRO A 252 -10.73 -11.11 5.92
C PRO A 252 -11.84 -10.09 6.08
N THR A 253 -13.04 -10.48 5.65
CA THR A 253 -14.12 -9.53 5.46
C THR A 253 -14.56 -8.89 6.78
N ALA A 254 -14.77 -9.68 7.83
CA ALA A 254 -15.42 -9.14 9.02
C ALA A 254 -14.48 -8.30 9.86
N GLY A 255 -13.26 -8.78 10.11
CA GLY A 255 -12.32 -7.98 10.90
C GLY A 255 -11.96 -6.67 10.22
N HIS A 256 -11.93 -6.70 8.89
CA HIS A 256 -11.65 -5.52 8.07
C HIS A 256 -12.69 -4.44 8.32
N LEU A 257 -13.97 -4.81 8.27
CA LEU A 257 -15.06 -3.88 8.57
C LEU A 257 -14.93 -3.31 9.97
N VAL A 258 -14.76 -4.18 10.97
CA VAL A 258 -14.77 -3.73 12.37
C VAL A 258 -13.63 -2.76 12.62
N ALA A 259 -12.42 -3.14 12.21
CA ALA A 259 -11.22 -2.40 12.55
C ALA A 259 -11.15 -1.09 11.79
N LEU A 260 -11.42 -1.13 10.48
CA LEU A 260 -11.31 0.12 9.72
C LEU A 260 -12.31 1.14 10.20
N ASN A 261 -13.55 0.72 10.45
CA ASN A 261 -14.55 1.63 10.97
C ASN A 261 -14.09 2.27 12.26
N TRP A 262 -13.52 1.47 13.18
CA TRP A 262 -13.05 1.98 14.46
C TRP A 262 -12.00 3.06 14.27
N THR A 263 -11.11 2.91 13.26
CA THR A 263 -10.02 3.87 13.10
C THR A 263 -10.51 5.28 12.72
N MET A 264 -11.66 5.39 12.06
CA MET A 264 -11.99 6.65 11.39
C MET A 264 -12.19 7.78 12.40
N LYS A 265 -12.94 7.53 13.48
CA LYS A 265 -12.97 8.51 14.56
C LYS A 265 -11.79 8.36 15.51
N ASN A 266 -11.47 7.12 15.91
CA ASN A 266 -10.52 6.98 17.02
C ASN A 266 -9.08 7.35 16.62
N ILE A 267 -8.66 7.09 15.40
CA ILE A 267 -7.34 7.55 14.94
C ILE A 267 -7.46 8.84 14.12
N TYR A 268 -8.30 8.83 13.09
CA TYR A 268 -8.34 9.92 12.13
C TYR A 268 -9.28 11.07 12.51
N ASN A 269 -9.97 10.93 13.64
CA ASN A 269 -10.76 12.01 14.27
C ASN A 269 -11.68 12.71 13.28
N VAL A 270 -12.48 11.92 12.55
CA VAL A 270 -13.54 12.50 11.76
C VAL A 270 -14.85 11.84 12.17
N ASP A 271 -15.94 12.58 12.03
CA ASP A 271 -17.26 12.04 12.25
C ASP A 271 -17.90 11.69 10.92
N PRO A 272 -18.94 10.85 10.91
CA PRO A 272 -19.67 10.60 9.66
C PRO A 272 -20.13 11.92 9.05
N GLY A 273 -20.06 12.01 7.72
CA GLY A 273 -20.37 13.24 7.04
C GLY A 273 -19.19 14.19 6.84
N ASP A 274 -18.12 14.06 7.63
CA ASP A 274 -16.91 14.82 7.36
C ASP A 274 -16.24 14.37 6.05
N VAL A 275 -15.39 15.23 5.52
CA VAL A 275 -14.67 14.96 4.29
C VAL A 275 -13.27 14.50 4.64
N PHE A 276 -12.85 13.38 4.06
CA PHE A 276 -11.58 12.75 4.36
C PHE A 276 -10.82 12.55 3.05
N TRP A 277 -9.49 12.73 3.09
CA TRP A 277 -8.71 12.56 1.87
C TRP A 277 -7.38 11.89 2.17
N ALA A 278 -7.17 10.70 1.60
CA ALA A 278 -5.86 10.08 1.53
C ALA A 278 -5.29 10.25 0.12
N ALA A 279 -4.17 10.96 0.01
CA ALA A 279 -3.51 11.13 -1.29
C ALA A 279 -2.57 9.94 -1.51
N SER A 280 -3.19 8.81 -1.85
CA SER A 280 -2.44 7.59 -2.15
C SER A 280 -2.96 7.05 -3.47
N ASP A 281 -2.94 5.73 -3.65
CA ASP A 281 -3.44 5.10 -4.86
C ASP A 281 -4.18 3.83 -4.47
N VAL A 282 -5.25 3.50 -5.21
CA VAL A 282 -5.95 2.25 -4.96
C VAL A 282 -5.01 1.04 -5.07
N GLY A 283 -3.89 1.17 -5.78
CA GLY A 283 -2.96 0.05 -5.92
C GLY A 283 -2.24 -0.31 -4.64
N TRP A 284 -2.26 0.58 -3.65
CA TRP A 284 -1.61 0.39 -2.35
C TRP A 284 -2.64 0.19 -1.25
N VAL A 285 -2.19 -0.41 -0.14
CA VAL A 285 -3.09 -0.67 0.98
C VAL A 285 -3.63 0.63 1.56
N VAL A 286 -2.85 1.71 1.53
CA VAL A 286 -3.37 2.99 2.01
C VAL A 286 -4.60 3.39 1.19
N GLY A 287 -4.57 3.13 -0.12
CA GLY A 287 -5.73 3.41 -0.96
C GLY A 287 -6.88 2.45 -0.75
N HIS A 288 -6.56 1.17 -0.49
CA HIS A 288 -7.63 0.24 -0.13
C HIS A 288 -8.34 0.71 1.13
N SER A 289 -7.59 0.88 2.22
CA SER A 289 -8.20 1.15 3.51
C SER A 289 -8.76 2.57 3.61
N TYR A 290 -8.05 3.58 3.11
CA TYR A 290 -8.42 4.96 3.42
C TYR A 290 -8.76 5.83 2.21
N ILE A 291 -8.75 5.30 1.00
CA ILE A 291 -9.51 5.94 -0.08
C ILE A 291 -10.85 5.25 -0.26
N CYS A 292 -10.84 3.91 -0.30
CA CYS A 292 -12.05 3.14 -0.56
C CYS A 292 -12.80 2.78 0.73
N TYR A 293 -12.25 1.82 1.51
CA TYR A 293 -13.13 1.12 2.44
C TYR A 293 -13.46 1.92 3.71
N ALA A 294 -12.45 2.34 4.49
CA ALA A 294 -12.77 2.92 5.80
C ALA A 294 -13.66 4.15 5.74
N PRO A 295 -13.40 5.15 4.90
CA PRO A 295 -14.30 6.32 4.87
C PRO A 295 -15.73 5.98 4.47
N LEU A 296 -15.92 5.09 3.47
CA LEU A 296 -17.27 4.73 3.05
C LEU A 296 -18.01 3.93 4.12
N ILE A 297 -17.33 2.92 4.71
CA ILE A 297 -17.90 2.20 5.86
C ILE A 297 -18.43 3.17 6.90
N HIS A 298 -17.62 4.18 7.23
CA HIS A 298 -17.92 5.14 8.29
C HIS A 298 -18.89 6.24 7.84
N GLY A 299 -19.27 6.30 6.57
CA GLY A 299 -20.18 7.36 6.14
C GLY A 299 -19.55 8.69 5.88
N ASN A 300 -18.24 8.73 5.61
CA ASN A 300 -17.57 9.95 5.21
C ASN A 300 -17.65 10.17 3.70
N THR A 301 -17.26 11.35 3.28
CA THR A 301 -16.92 11.63 1.89
C THR A 301 -15.44 11.33 1.70
N THR A 302 -15.11 10.62 0.64
CA THR A 302 -13.71 10.35 0.36
C THR A 302 -13.32 10.96 -0.98
N ILE A 303 -12.07 11.39 -1.09
CA ILE A 303 -11.59 12.07 -2.29
C ILE A 303 -10.70 11.11 -3.08
N VAL A 304 -10.98 10.96 -4.36
CA VAL A 304 -10.14 10.21 -5.28
C VAL A 304 -9.38 11.24 -6.09
N PHE A 305 -8.09 11.40 -5.79
CA PHE A 305 -7.28 12.46 -6.40
C PHE A 305 -6.41 11.87 -7.48
N GLU A 306 -6.50 12.42 -8.70
CA GLU A 306 -5.70 11.98 -9.84
C GLU A 306 -4.75 13.10 -10.23
N GLY A 307 -3.54 13.08 -9.67
CA GLY A 307 -2.56 14.14 -9.90
C GLY A 307 -1.36 13.94 -8.99
N LYS A 308 -0.65 15.03 -8.76
CA LYS A 308 0.63 14.99 -8.05
C LYS A 308 0.68 16.17 -7.07
N PRO A 309 1.52 16.07 -6.04
CA PRO A 309 1.70 17.22 -5.14
C PRO A 309 2.31 18.44 -5.83
N VAL A 310 3.11 18.23 -6.87
CA VAL A 310 3.66 19.33 -7.65
C VAL A 310 3.40 19.03 -9.12
N GLY A 311 3.34 20.08 -9.93
CA GLY A 311 3.28 19.93 -11.37
C GLY A 311 1.92 19.63 -11.95
N THR A 312 0.86 19.56 -11.15
CA THR A 312 -0.48 19.38 -11.72
C THR A 312 -1.49 20.33 -11.05
N PRO A 313 -1.27 21.66 -11.18
CA PRO A 313 -0.23 22.32 -11.98
C PRO A 313 0.99 22.76 -11.18
N ASP A 314 0.86 22.94 -9.87
CA ASP A 314 1.93 23.54 -9.09
C ASP A 314 1.87 23.01 -7.67
N ALA A 315 2.70 23.57 -6.80
CA ALA A 315 2.78 23.10 -5.42
C ALA A 315 1.59 23.55 -4.56
N GLY A 316 0.61 24.25 -5.11
CA GLY A 316 -0.56 24.57 -4.34
C GLY A 316 -1.70 23.57 -4.42
N THR A 317 -1.54 22.52 -5.20
CA THR A 317 -2.67 21.66 -5.52
C THR A 317 -3.26 21.01 -4.27
N PHE A 318 -2.41 20.51 -3.36
CA PHE A 318 -2.93 19.92 -2.13
C PHE A 318 -3.82 20.89 -1.39
N TRP A 319 -3.37 22.14 -1.24
CA TRP A 319 -4.16 23.12 -0.50
C TRP A 319 -5.42 23.51 -1.26
N ARG A 320 -5.35 23.62 -2.59
CA ARG A 320 -6.59 23.89 -3.32
C ARG A 320 -7.60 22.78 -3.12
N VAL A 321 -7.17 21.52 -3.19
CA VAL A 321 -8.10 20.41 -3.04
C VAL A 321 -8.69 20.40 -1.64
N ILE A 322 -7.83 20.53 -0.63
CA ILE A 322 -8.29 20.51 0.76
C ILE A 322 -9.26 21.65 1.02
N SER A 323 -8.92 22.84 0.53
CA SER A 323 -9.80 24.00 0.70
C SER A 323 -11.13 23.80 -0.03
N GLU A 324 -11.05 23.50 -1.32
CA GLU A 324 -12.26 23.46 -2.15
C GLU A 324 -13.26 22.44 -1.62
N HIS A 325 -12.79 21.28 -1.16
CA HIS A 325 -13.68 20.20 -0.75
C HIS A 325 -13.84 20.08 0.77
N LYS A 326 -13.30 21.03 1.53
CA LYS A 326 -13.51 21.11 2.98
C LYS A 326 -12.98 19.86 3.69
N VAL A 327 -11.79 19.43 3.30
CA VAL A 327 -11.18 18.24 3.90
C VAL A 327 -10.89 18.52 5.37
N LYS A 328 -11.24 17.57 6.23
CA LYS A 328 -11.00 17.72 7.67
C LYS A 328 -9.76 16.97 8.14
N SER A 329 -9.54 15.75 7.67
CA SER A 329 -8.29 15.03 7.89
C SER A 329 -7.65 14.69 6.55
N PHE A 330 -6.37 14.97 6.42
CA PHE A 330 -5.58 14.76 5.22
C PHE A 330 -4.50 13.73 5.54
N PHE A 331 -4.35 12.74 4.66
CA PHE A 331 -3.46 11.61 4.86
C PHE A 331 -2.57 11.57 3.62
N THR A 332 -1.28 11.76 3.80
CA THR A 332 -0.36 11.69 2.65
C THR A 332 0.93 11.03 3.09
N ALA A 333 1.96 11.11 2.23
CA ALA A 333 3.25 10.50 2.49
C ALA A 333 4.31 11.58 2.66
N PRO A 334 5.33 11.34 3.50
CA PRO A 334 6.41 12.33 3.67
C PRO A 334 7.05 12.78 2.36
N THR A 335 7.22 11.87 1.39
CA THR A 335 7.83 12.24 0.11
C THR A 335 7.02 13.34 -0.58
N ALA A 336 5.68 13.27 -0.53
CA ALA A 336 4.86 14.28 -1.19
C ALA A 336 5.04 15.65 -0.56
N LEU A 337 5.17 15.72 0.78
CA LEU A 337 5.34 17.03 1.40
C LEU A 337 6.76 17.55 1.21
N ARG A 338 7.75 16.66 1.13
CA ARG A 338 9.09 17.10 0.80
C ARG A 338 9.13 17.73 -0.60
N ALA A 339 8.37 17.18 -1.54
CA ALA A 339 8.29 17.79 -2.88
C ALA A 339 7.63 19.16 -2.82
N VAL A 340 6.57 19.29 -2.03
CA VAL A 340 5.88 20.58 -1.91
C VAL A 340 6.80 21.64 -1.31
N LYS A 341 7.48 21.31 -0.21
CA LYS A 341 8.28 22.34 0.47
C LYS A 341 9.57 22.62 -0.26
N ARG A 342 10.03 21.71 -1.11
CA ARG A 342 11.13 22.03 -2.00
C ARG A 342 10.73 23.13 -2.99
N GLU A 343 9.54 23.01 -3.59
CA GLU A 343 9.09 24.03 -4.54
C GLU A 343 8.59 25.31 -3.86
N ASP A 344 8.05 25.21 -2.65
CA ASP A 344 7.39 26.34 -1.99
C ASP A 344 7.83 26.39 -0.53
N PRO A 345 9.12 26.67 -0.29
CA PRO A 345 9.64 26.57 1.09
C PRO A 345 8.98 27.49 2.09
N ASN A 346 8.46 28.63 1.66
CA ASN A 346 7.79 29.56 2.54
C ASN A 346 6.30 29.30 2.67
N GLY A 347 5.78 28.28 1.99
CA GLY A 347 4.36 28.00 2.07
C GLY A 347 3.49 29.09 1.50
N GLU A 348 3.93 29.76 0.44
CA GLU A 348 3.15 30.86 -0.12
C GLU A 348 1.82 30.39 -0.70
N PHE A 349 1.76 29.16 -1.23
CA PHE A 349 0.49 28.68 -1.75
C PHE A 349 -0.54 28.49 -0.63
N ILE A 350 -0.08 28.23 0.59
CA ILE A 350 -1.00 27.95 1.69
C ILE A 350 -1.86 29.17 2.01
N GLY A 351 -1.27 30.36 1.94
CA GLY A 351 -2.04 31.56 2.24
C GLY A 351 -3.08 31.91 1.19
N LYS A 352 -3.09 31.22 0.06
CA LYS A 352 -4.06 31.52 -0.99
C LYS A 352 -5.42 30.86 -0.75
N TYR A 353 -5.51 29.91 0.18
CA TYR A 353 -6.70 29.08 0.30
C TYR A 353 -7.21 29.09 1.74
N ASP A 354 -8.53 29.00 1.88
CA ASP A 354 -9.15 28.90 3.19
C ASP A 354 -9.03 27.44 3.66
N LEU A 355 -8.16 27.20 4.63
CA LEU A 355 -7.95 25.87 5.19
C LEU A 355 -8.60 25.70 6.56
N SER A 356 -9.63 26.50 6.86
CA SER A 356 -10.16 26.51 8.21
C SER A 356 -10.85 25.19 8.57
N HIS A 357 -11.27 24.39 7.60
CA HIS A 357 -11.85 23.09 7.92
C HIS A 357 -10.79 22.02 8.21
N LEU A 358 -9.55 22.24 7.80
CA LEU A 358 -8.51 21.24 7.97
C LEU A 358 -8.10 21.19 9.43
N LYS A 359 -8.21 20.01 10.04
CA LYS A 359 -7.96 19.82 11.46
C LYS A 359 -6.70 19.01 11.74
N THR A 360 -6.40 17.99 10.93
CA THR A 360 -5.29 17.10 11.24
C THR A 360 -4.68 16.56 9.94
N VAL A 361 -3.35 16.45 9.93
CA VAL A 361 -2.62 15.83 8.83
C VAL A 361 -1.99 14.54 9.36
N TYR A 362 -2.07 13.47 8.55
CA TYR A 362 -1.51 12.17 8.87
C TYR A 362 -0.46 11.79 7.82
N LEU A 363 0.57 11.08 8.27
CA LEU A 363 1.62 10.60 7.39
C LEU A 363 1.88 9.12 7.68
N ALA A 364 2.03 8.35 6.61
CA ALA A 364 2.47 6.96 6.75
C ALA A 364 3.15 6.54 5.46
N GLY A 365 3.74 5.33 5.50
CA GLY A 365 4.32 4.72 4.32
C GLY A 365 5.83 4.73 4.29
N GLU A 366 6.45 5.54 5.11
CA GLU A 366 7.88 5.69 5.15
C GLU A 366 8.18 6.56 6.33
N ARG A 367 9.43 6.69 6.63
CA ARG A 367 9.85 7.50 7.73
C ARG A 367 9.42 8.96 7.56
N ALA A 368 8.81 9.51 8.59
CA ALA A 368 8.40 10.90 8.59
C ALA A 368 9.57 11.66 9.28
N ASP A 369 10.39 12.32 8.49
CA ASP A 369 11.59 12.97 9.00
C ASP A 369 11.24 14.26 9.74
N PRO A 370 12.07 14.67 10.70
CA PRO A 370 11.76 15.88 11.48
C PRO A 370 11.57 17.15 10.65
N ASP A 371 12.41 17.39 9.65
CA ASP A 371 12.24 18.59 8.82
C ASP A 371 10.84 18.67 8.24
N THR A 372 10.36 17.55 7.71
CA THR A 372 9.03 17.53 7.10
C THR A 372 7.95 17.75 8.14
N ILE A 373 8.05 17.09 9.29
CA ILE A 373 7.07 17.28 10.36
C ILE A 373 6.99 18.75 10.77
N GLN A 374 8.15 19.36 11.04
CA GLN A 374 8.15 20.71 11.60
C GLN A 374 7.72 21.74 10.55
N TRP A 375 8.20 21.63 9.33
CA TRP A 375 7.73 22.52 8.26
C TRP A 375 6.21 22.47 8.13
N THR A 376 5.65 21.27 8.05
CA THR A 376 4.20 21.09 7.91
C THR A 376 3.45 21.67 9.12
N MET A 377 3.92 21.36 10.32
CA MET A 377 3.31 21.96 11.52
C MET A 377 3.40 23.49 11.47
N ASP A 378 4.54 24.02 11.06
CA ASP A 378 4.71 25.47 11.08
C ASP A 378 3.85 26.14 10.03
N LYS A 379 3.70 25.53 8.85
CA LYS A 379 3.01 26.22 7.77
C LYS A 379 1.51 26.02 7.80
N LEU A 380 1.03 24.89 8.34
CA LEU A 380 -0.40 24.64 8.43
C LEU A 380 -0.97 24.92 9.81
N GLY A 381 -0.15 24.94 10.86
CA GLY A 381 -0.66 25.14 12.21
C GLY A 381 -1.65 24.09 12.67
N VAL A 382 -1.51 22.84 12.22
CA VAL A 382 -2.33 21.74 12.71
C VAL A 382 -1.39 20.62 13.16
N PRO A 383 -1.89 19.67 13.96
CA PRO A 383 -1.04 18.52 14.31
C PRO A 383 -0.72 17.67 13.08
N VAL A 384 0.51 17.16 13.05
CA VAL A 384 0.99 16.30 11.97
C VAL A 384 1.36 14.96 12.59
N ILE A 385 0.66 13.90 12.18
CA ILE A 385 0.63 12.64 12.91
C ILE A 385 1.27 11.56 12.04
N ASP A 386 2.53 11.26 12.34
CA ASP A 386 3.16 10.08 11.78
C ASP A 386 2.51 8.83 12.36
N HIS A 387 2.33 7.80 11.51
CA HIS A 387 1.81 6.54 12.02
C HIS A 387 2.26 5.41 11.10
N TRP A 388 2.45 4.23 11.68
CA TRP A 388 3.16 3.14 11.03
C TRP A 388 2.26 1.93 10.86
N TRP A 389 2.21 1.39 9.64
CA TRP A 389 1.54 0.12 9.37
C TRP A 389 1.96 -0.35 7.98
N GLN A 390 1.33 -1.42 7.48
CA GLN A 390 1.81 -2.11 6.30
C GLN A 390 0.66 -2.86 5.65
N THR A 391 0.88 -3.32 4.41
CA THR A 391 -0.12 -4.07 3.66
C THR A 391 -0.71 -5.20 4.51
N GLU A 392 0.15 -5.89 5.25
CA GLU A 392 -0.29 -7.04 6.03
C GLU A 392 -1.34 -6.66 7.07
N THR A 393 -1.18 -5.51 7.75
CA THR A 393 -2.14 -5.21 8.81
C THR A 393 -3.39 -4.52 8.29
N GLY A 394 -3.29 -3.70 7.23
CA GLY A 394 -4.45 -2.99 6.73
C GLY A 394 -4.85 -1.76 7.51
N TRP A 395 -4.31 -1.57 8.71
CA TRP A 395 -4.53 -0.35 9.49
C TRP A 395 -3.39 -0.21 10.50
N ALA A 396 -3.40 0.93 11.19
CA ALA A 396 -2.25 1.38 11.99
C ALA A 396 -1.85 0.36 13.06
N ILE A 397 -0.54 0.10 13.14
CA ILE A 397 0.03 -0.62 14.29
C ILE A 397 0.35 0.33 15.42
N ALA A 398 0.97 1.46 15.08
CA ALA A 398 1.29 2.53 16.00
C ALA A 398 0.75 3.83 15.42
N ALA A 399 0.14 4.66 16.26
CA ALA A 399 -0.41 5.93 15.82
C ALA A 399 -0.55 6.85 17.02
N ASN A 400 -0.88 8.11 16.74
CA ASN A 400 -1.39 9.02 17.76
C ASN A 400 -2.90 8.99 17.64
N PRO A 401 -3.61 8.54 18.62
CA PRO A 401 -5.05 8.26 18.47
C PRO A 401 -5.91 9.50 18.70
N MET A 402 -5.95 10.36 17.67
CA MET A 402 -6.37 11.75 17.86
C MET A 402 -7.84 11.87 18.26
N GLY A 403 -8.67 10.88 17.91
CA GLY A 403 -10.05 10.89 18.35
C GLY A 403 -10.26 10.45 19.78
N ILE A 404 -9.23 9.89 20.44
CA ILE A 404 -9.30 9.49 21.83
C ILE A 404 -8.58 10.51 22.68
N GLU A 405 -7.30 10.74 22.38
CA GLU A 405 -6.47 11.66 23.14
C GLU A 405 -5.31 12.06 22.25
N HIS A 406 -5.08 13.35 22.10
CA HIS A 406 -3.94 13.84 21.34
C HIS A 406 -2.73 13.70 22.26
N LEU A 407 -1.94 12.66 22.05
CA LEU A 407 -0.79 12.45 22.91
C LEU A 407 0.33 13.40 22.49
N PRO A 408 1.27 13.69 23.40
CA PRO A 408 2.44 14.47 22.99
C PRO A 408 3.15 13.80 21.83
N VAL A 409 3.48 14.57 20.82
CA VAL A 409 4.19 14.07 19.67
C VAL A 409 5.68 14.14 19.95
N LYS A 410 6.38 13.04 19.75
CA LYS A 410 7.83 13.01 19.70
C LYS A 410 8.22 12.96 18.23
N ILE A 411 8.74 14.08 17.71
CA ILE A 411 9.02 14.19 16.28
C ILE A 411 10.03 13.11 15.90
N GLY A 412 9.73 12.36 14.84
CA GLY A 412 10.48 11.17 14.49
C GLY A 412 9.82 9.87 14.87
N SER A 413 8.74 9.91 15.65
CA SER A 413 8.10 8.70 16.13
C SER A 413 6.64 8.63 15.70
N PRO A 414 6.16 7.47 15.26
CA PRO A 414 4.73 7.31 14.96
C PRO A 414 3.87 7.09 16.20
N SER A 415 4.41 7.44 17.36
CA SER A 415 3.73 7.35 18.66
C SER A 415 3.56 5.89 19.11
N VAL A 416 2.36 5.49 19.55
CA VAL A 416 2.20 4.34 20.45
C VAL A 416 1.34 3.24 19.83
N ALA A 417 1.46 2.04 20.38
CA ALA A 417 0.75 0.87 19.89
C ALA A 417 -0.76 1.06 19.97
N MET A 418 -1.46 0.67 18.90
CA MET A 418 -2.91 0.72 18.83
C MET A 418 -3.52 -0.51 19.50
N PRO A 419 -4.77 -0.43 19.95
CA PRO A 419 -5.41 -1.59 20.56
C PRO A 419 -5.42 -2.77 19.59
N GLY A 420 -5.10 -3.95 20.13
CA GLY A 420 -4.95 -5.14 19.32
C GLY A 420 -3.51 -5.46 19.01
N TYR A 421 -2.59 -4.53 19.23
CA TYR A 421 -1.18 -4.74 18.95
C TYR A 421 -0.39 -4.63 20.24
N ASP A 422 0.17 -5.76 20.68
CA ASP A 422 1.14 -5.82 21.77
C ASP A 422 2.50 -5.82 21.09
N VAL A 423 3.15 -4.68 21.05
CA VAL A 423 4.32 -4.46 20.22
C VAL A 423 5.57 -4.56 21.09
N GLN A 424 6.57 -5.29 20.61
CA GLN A 424 7.79 -5.55 21.36
C GLN A 424 8.98 -5.49 20.40
N VAL A 425 10.15 -5.19 20.96
CA VAL A 425 11.40 -5.19 20.20
C VAL A 425 12.24 -6.37 20.70
N LEU A 426 12.58 -7.28 19.79
CA LEU A 426 13.21 -8.54 20.16
C LEU A 426 14.64 -8.62 19.62
N ASP A 427 15.54 -9.20 20.41
CA ASP A 427 16.90 -9.37 19.97
C ASP A 427 17.03 -10.63 19.11
N GLU A 428 18.26 -10.89 18.67
CA GLU A 428 18.56 -12.06 17.84
C GLU A 428 18.02 -13.34 18.46
N GLY A 429 18.07 -13.44 19.79
CA GLY A 429 17.61 -14.61 20.50
C GLY A 429 16.14 -14.63 20.85
N GLY A 430 15.35 -13.70 20.33
CA GLY A 430 13.92 -13.72 20.57
C GLY A 430 13.46 -13.11 21.86
N HIS A 431 14.31 -12.32 22.55
CA HIS A 431 13.95 -11.76 23.85
C HIS A 431 13.74 -10.25 23.77
N PRO A 432 12.76 -9.72 24.52
CA PRO A 432 12.58 -8.27 24.58
C PRO A 432 13.82 -7.59 25.12
N VAL A 433 14.14 -6.44 24.53
CA VAL A 433 15.32 -5.70 24.87
C VAL A 433 14.93 -4.51 25.74
N ALA A 434 15.93 -3.87 26.35
CA ALA A 434 15.66 -2.69 27.15
C ALA A 434 15.17 -1.56 26.24
N PRO A 435 14.29 -0.71 26.75
CA PRO A 435 13.88 0.49 26.00
C PRO A 435 15.10 1.22 25.42
N GLY A 436 14.95 1.72 24.19
CA GLY A 436 16.04 2.39 23.51
C GLY A 436 17.01 1.48 22.79
N THR A 437 16.89 0.17 22.94
CA THR A 437 17.77 -0.77 22.25
C THR A 437 17.16 -1.15 20.90
N LEU A 438 18.00 -1.17 19.86
CA LEU A 438 17.55 -1.54 18.53
C LEU A 438 17.34 -3.04 18.43
N GLY A 439 16.28 -3.44 17.73
CA GLY A 439 16.01 -4.84 17.49
C GLY A 439 14.90 -4.98 16.46
N ALA A 440 14.40 -6.21 16.34
CA ALA A 440 13.32 -6.51 15.40
C ALA A 440 11.98 -6.21 16.05
N ILE A 441 11.11 -5.49 15.34
CA ILE A 441 9.79 -5.16 15.85
C ILE A 441 8.86 -6.33 15.56
N ALA A 442 8.26 -6.88 16.61
CA ALA A 442 7.37 -8.02 16.48
C ALA A 442 6.10 -7.71 17.24
N VAL A 443 5.02 -8.39 16.87
CA VAL A 443 3.75 -8.23 17.55
C VAL A 443 3.32 -9.58 18.07
N LYS A 444 2.92 -9.63 19.34
CA LYS A 444 2.50 -10.88 19.96
C LYS A 444 1.19 -11.33 19.35
N LEU A 445 1.12 -12.62 19.00
CA LEU A 445 -0.10 -13.19 18.47
C LEU A 445 -1.18 -13.26 19.55
N PRO A 446 -2.46 -13.11 19.18
CA PRO A 446 -2.93 -12.90 17.81
C PRO A 446 -2.75 -11.48 17.32
N LEU A 447 -2.45 -11.34 16.03
CA LEU A 447 -2.47 -10.04 15.39
C LEU A 447 -3.90 -9.51 15.39
N ALA A 448 -4.03 -8.17 15.33
CA ALA A 448 -5.31 -7.50 15.56
C ALA A 448 -6.37 -7.88 14.52
N PRO A 449 -7.65 -7.70 14.84
CA PRO A 449 -8.70 -7.91 13.84
C PRO A 449 -8.48 -7.05 12.61
N GLY A 450 -8.78 -7.62 11.45
CA GLY A 450 -8.55 -6.94 10.18
C GLY A 450 -7.21 -7.22 9.54
N THR A 451 -6.27 -7.80 10.28
CA THR A 451 -4.95 -8.11 9.74
C THR A 451 -5.01 -9.46 9.01
N LEU A 452 -3.94 -9.77 8.29
CA LEU A 452 -3.98 -10.94 7.41
C LEU A 452 -4.00 -12.24 8.22
N PRO A 453 -4.79 -13.22 7.81
CA PRO A 453 -4.74 -14.55 8.43
C PRO A 453 -3.78 -15.49 7.75
N ASN A 454 -3.27 -15.12 6.57
CA ASN A 454 -2.61 -16.03 5.64
C ASN A 454 -2.25 -15.31 4.35
N LEU A 455 -1.60 -16.00 3.43
CA LEU A 455 -1.30 -15.49 2.10
C LEU A 455 -2.01 -16.37 1.08
N TRP A 456 -2.46 -15.75 -0.02
CA TRP A 456 -3.28 -16.46 -0.99
C TRP A 456 -2.55 -17.71 -1.50
N GLN A 457 -3.13 -18.87 -1.25
CA GLN A 457 -2.58 -20.17 -1.66
C GLN A 457 -1.08 -20.27 -1.37
N ALA A 458 -0.66 -19.73 -0.22
CA ALA A 458 0.76 -19.80 0.14
C ALA A 458 0.91 -19.85 1.66
N GLU A 459 0.28 -20.84 2.29
CA GLU A 459 0.30 -20.91 3.74
C GLU A 459 1.71 -21.18 4.26
N GLU A 460 2.48 -22.01 3.54
CA GLU A 460 3.85 -22.29 3.94
C GLU A 460 4.69 -21.03 3.94
N ARG A 461 4.58 -20.20 2.90
CA ARG A 461 5.34 -18.97 2.86
C ARG A 461 4.88 -17.99 3.94
N PHE A 462 3.58 -17.98 4.27
CA PHE A 462 3.10 -17.13 5.34
C PHE A 462 3.73 -17.53 6.68
N VAL A 463 3.68 -18.82 7.01
CA VAL A 463 4.27 -19.27 8.27
C VAL A 463 5.75 -18.95 8.32
N LYS A 464 6.49 -19.24 7.24
CA LYS A 464 7.93 -19.03 7.26
C LYS A 464 8.29 -17.55 7.42
N SER A 465 7.67 -16.67 6.61
CA SER A 465 8.17 -15.30 6.60
C SER A 465 7.69 -14.50 7.80
N TYR A 466 6.55 -14.87 8.39
CA TYR A 466 5.97 -14.07 9.47
C TYR A 466 5.93 -14.73 10.84
N LEU A 467 5.79 -16.06 10.93
CA LEU A 467 5.46 -16.67 12.22
C LEU A 467 6.58 -17.56 12.76
N THR A 468 7.74 -17.60 12.12
CA THR A 468 8.76 -18.58 12.46
C THR A 468 9.95 -17.99 13.19
N THR A 469 10.43 -16.82 12.79
CA THR A 469 11.60 -16.25 13.46
C THR A 469 11.38 -16.08 14.96
N PHE A 470 10.20 -15.57 15.35
CA PHE A 470 9.88 -15.31 16.75
C PHE A 470 8.61 -16.06 17.10
N PRO A 471 8.72 -17.34 17.51
CA PRO A 471 7.51 -18.14 17.75
C PRO A 471 6.62 -17.46 18.77
N GLY A 472 5.32 -17.46 18.49
CA GLY A 472 4.37 -16.73 19.29
C GLY A 472 4.22 -15.27 18.91
N TYR A 473 5.02 -14.79 17.95
CA TYR A 473 4.94 -13.42 17.48
C TYR A 473 4.68 -13.39 15.98
N TYR A 474 4.23 -12.22 15.52
CA TYR A 474 4.22 -11.84 14.11
C TYR A 474 5.45 -10.96 13.85
N GLU A 475 6.28 -11.35 12.90
CA GLU A 475 7.48 -10.58 12.55
C GLU A 475 7.10 -9.50 11.52
N THR A 476 7.22 -8.22 11.88
CA THR A 476 6.74 -7.17 10.97
C THR A 476 7.65 -6.95 9.76
N GLY A 477 8.92 -7.33 9.85
CA GLY A 477 9.86 -6.99 8.83
C GLY A 477 10.55 -5.65 9.03
N ASP A 478 10.16 -4.88 10.04
CA ASP A 478 10.84 -3.64 10.37
C ASP A 478 11.65 -3.82 11.65
N ALA A 479 12.74 -3.07 11.74
CA ALA A 479 13.54 -2.97 12.95
C ALA A 479 13.39 -1.56 13.53
N GLY A 480 13.63 -1.45 14.82
CA GLY A 480 13.60 -0.15 15.46
C GLY A 480 13.75 -0.29 16.95
N TYR A 481 13.19 0.69 17.68
CA TYR A 481 13.24 0.63 19.14
C TYR A 481 12.01 1.33 19.71
N ILE A 482 11.77 1.09 20.99
CA ILE A 482 10.68 1.70 21.73
C ILE A 482 11.29 2.38 22.95
N ASP A 483 10.91 3.64 23.20
CA ASP A 483 11.49 4.33 24.34
C ASP A 483 10.71 3.99 25.61
N GLU A 484 11.09 4.63 26.72
CA GLU A 484 10.55 4.28 28.02
C GLU A 484 9.06 4.61 28.14
N ASP A 485 8.55 5.53 27.31
CA ASP A 485 7.13 5.87 27.34
C ASP A 485 6.29 5.01 26.41
N GLY A 486 6.89 4.08 25.66
CA GLY A 486 6.14 3.29 24.70
C GLY A 486 6.09 3.86 23.30
N TYR A 487 6.87 4.90 22.99
CA TYR A 487 6.88 5.48 21.66
C TYR A 487 7.79 4.68 20.74
N LEU A 488 7.28 4.34 19.56
CA LEU A 488 7.99 3.55 18.57
C LEU A 488 8.90 4.43 17.73
N TYR A 489 10.00 3.83 17.26
CA TYR A 489 10.85 4.44 16.26
C TYR A 489 11.22 3.38 15.23
N ILE A 490 10.86 3.64 13.96
CA ILE A 490 11.02 2.65 12.89
C ILE A 490 12.35 2.92 12.19
N MET A 491 13.24 1.93 12.16
CA MET A 491 14.54 2.21 11.57
C MET A 491 14.64 1.65 10.16
N ALA A 492 14.98 0.38 10.01
CA ALA A 492 15.19 -0.22 8.70
C ALA A 492 14.34 -1.47 8.57
N ARG A 493 14.22 -1.93 7.32
CA ARG A 493 13.67 -3.25 7.07
C ARG A 493 14.71 -4.31 7.42
N THR A 494 14.25 -5.46 7.86
CA THR A 494 15.14 -6.58 8.14
C THR A 494 15.24 -7.53 6.96
N ASP A 495 14.62 -7.20 5.84
CA ASP A 495 14.65 -8.04 4.65
C ASP A 495 15.15 -7.21 3.46
N ASP A 496 14.85 -7.68 2.26
CA ASP A 496 15.36 -7.08 1.03
C ASP A 496 14.57 -5.86 0.57
N VAL A 497 13.66 -5.35 1.37
CA VAL A 497 12.67 -4.38 0.92
C VAL A 497 13.23 -2.97 1.09
N ILE A 498 12.92 -2.09 0.13
CA ILE A 498 13.23 -0.68 0.25
C ILE A 498 11.97 0.13 0.01
N ASN A 499 11.95 1.34 0.56
CA ASN A 499 10.82 2.25 0.42
C ASN A 499 11.30 3.44 -0.40
N VAL A 500 10.77 3.56 -1.62
CA VAL A 500 11.15 4.61 -2.55
C VAL A 500 9.93 5.48 -2.78
N ALA A 501 10.02 6.74 -2.36
CA ALA A 501 8.91 7.68 -2.51
C ALA A 501 7.63 7.15 -1.87
N GLY A 502 7.77 6.43 -0.75
CA GLY A 502 6.65 5.82 -0.08
C GLY A 502 6.25 4.45 -0.60
N HIS A 503 6.88 3.97 -1.66
CA HIS A 503 6.49 2.73 -2.32
C HIS A 503 7.36 1.57 -1.84
N ARG A 504 6.71 0.50 -1.40
CA ARG A 504 7.43 -0.69 -0.93
C ARG A 504 7.85 -1.53 -2.13
N LEU A 505 9.16 -1.73 -2.29
CA LEU A 505 9.72 -2.41 -3.46
C LEU A 505 10.70 -3.49 -3.04
N SER A 506 10.72 -4.59 -3.80
CA SER A 506 11.63 -5.70 -3.55
C SER A 506 12.91 -5.50 -4.37
N THR A 507 14.05 -5.37 -3.68
CA THR A 507 15.32 -5.33 -4.38
C THR A 507 15.65 -6.69 -4.99
N GLY A 508 15.19 -7.77 -4.37
CA GLY A 508 15.39 -9.09 -4.96
C GLY A 508 14.66 -9.23 -6.28
N ALA A 509 13.45 -8.70 -6.37
CA ALA A 509 12.76 -8.67 -7.66
C ALA A 509 13.60 -7.97 -8.72
N MET A 510 14.23 -6.85 -8.35
CA MET A 510 15.04 -6.11 -9.32
C MET A 510 16.27 -6.91 -9.74
N GLU A 511 16.92 -7.59 -8.79
CA GLU A 511 18.08 -8.41 -9.13
C GLU A 511 17.73 -9.55 -10.07
N GLU A 512 16.58 -10.20 -9.85
CA GLU A 512 16.16 -11.27 -10.76
C GLU A 512 15.99 -10.75 -12.19
N VAL A 513 15.48 -9.52 -12.34
CA VAL A 513 15.35 -8.95 -13.68
C VAL A 513 16.73 -8.65 -14.27
N LEU A 514 17.59 -7.97 -13.49
CA LEU A 514 18.94 -7.67 -13.94
C LEU A 514 19.71 -8.94 -14.29
N ALA A 515 19.47 -10.03 -13.55
CA ALA A 515 20.17 -11.29 -13.80
C ALA A 515 19.72 -11.99 -15.08
N SER A 516 18.69 -11.49 -15.77
CA SER A 516 18.26 -12.10 -17.02
C SER A 516 18.77 -11.36 -18.25
N HIS A 517 19.42 -10.21 -18.06
CA HIS A 517 20.12 -9.56 -19.16
C HIS A 517 21.18 -10.51 -19.70
N PRO A 518 21.31 -10.67 -21.02
CA PRO A 518 22.20 -11.72 -21.55
C PRO A 518 23.66 -11.59 -21.14
N ASP A 519 24.13 -10.39 -20.80
CA ASP A 519 25.53 -10.16 -20.51
C ASP A 519 25.86 -10.05 -19.04
N VAL A 520 24.86 -10.09 -18.15
CA VAL A 520 25.10 -9.94 -16.72
C VAL A 520 25.28 -11.32 -16.11
N ALA A 521 26.39 -11.50 -15.38
CA ALA A 521 26.63 -12.77 -14.71
C ALA A 521 25.97 -12.80 -13.34
N GLU A 522 26.09 -11.71 -12.59
CA GLU A 522 25.41 -11.57 -11.31
C GLU A 522 25.36 -10.09 -10.97
N CYS A 523 24.56 -9.75 -9.96
CA CYS A 523 24.29 -8.36 -9.65
C CYS A 523 23.90 -8.23 -8.20
N ALA A 524 23.75 -6.98 -7.76
CA ALA A 524 23.23 -6.66 -6.44
C ALA A 524 22.57 -5.30 -6.50
N VAL A 525 21.35 -5.20 -5.96
CA VAL A 525 20.63 -3.93 -5.88
C VAL A 525 20.51 -3.54 -4.41
N ILE A 526 20.94 -2.32 -4.09
CA ILE A 526 20.82 -1.79 -2.75
C ILE A 526 19.89 -0.59 -2.77
N GLY A 527 19.41 -0.20 -1.59
CA GLY A 527 18.65 1.02 -1.46
C GLY A 527 19.44 2.11 -0.77
N VAL A 528 19.91 3.09 -1.53
CA VAL A 528 20.72 4.18 -0.99
C VAL A 528 19.81 5.29 -0.48
N SER A 529 20.31 6.04 0.50
CA SER A 529 19.54 7.13 1.07
C SER A 529 19.34 8.23 0.04
N ASP A 530 18.17 8.88 0.08
CA ASP A 530 17.84 10.00 -0.81
C ASP A 530 16.97 10.99 -0.05
N THR A 531 17.33 12.27 -0.13
CA THR A 531 16.61 13.28 0.64
C THR A 531 15.16 13.39 0.18
N LEU A 532 14.91 13.39 -1.14
CA LEU A 532 13.55 13.57 -1.62
C LEU A 532 12.70 12.32 -1.41
N LYS A 533 13.21 11.16 -1.84
CA LYS A 533 12.40 9.95 -1.90
C LYS A 533 12.72 8.95 -0.79
N GLY A 534 13.53 9.32 0.20
CA GLY A 534 13.85 8.39 1.27
C GLY A 534 14.95 7.43 0.89
N GLN A 535 14.65 6.52 -0.04
CA GLN A 535 15.65 5.65 -0.63
C GLN A 535 15.51 5.67 -2.15
N MET A 536 16.58 5.25 -2.83
CA MET A 536 16.60 5.01 -4.27
C MET A 536 17.35 3.72 -4.56
N PRO A 537 16.89 2.91 -5.51
CA PRO A 537 17.63 1.69 -5.83
C PRO A 537 18.88 2.01 -6.62
N LEU A 538 19.91 1.19 -6.38
CA LEU A 538 21.19 1.33 -7.05
C LEU A 538 21.70 -0.06 -7.36
N GLY A 539 22.11 -0.28 -8.60
CA GLY A 539 22.49 -1.61 -9.07
C GLY A 539 23.98 -1.71 -9.34
N PHE A 540 24.55 -2.87 -9.00
CA PHE A 540 25.90 -3.25 -9.35
C PHE A 540 25.84 -4.45 -10.30
N LEU A 541 26.57 -4.38 -11.41
CA LEU A 541 26.51 -5.41 -12.46
C LEU A 541 27.85 -6.08 -12.63
N CYS A 542 27.85 -7.41 -12.71
CA CYS A 542 29.04 -8.21 -13.04
C CYS A 542 28.78 -8.92 -14.35
N LEU A 543 29.55 -8.57 -15.39
CA LEU A 543 29.30 -9.19 -16.69
C LEU A 543 29.82 -10.62 -16.72
N SER A 544 29.27 -11.39 -17.65
CA SER A 544 29.78 -12.72 -17.91
C SER A 544 31.13 -12.63 -18.61
N ALA A 545 31.76 -13.79 -18.78
CA ALA A 545 33.04 -13.86 -19.46
C ALA A 545 32.82 -13.76 -20.96
N GLY A 546 33.60 -12.90 -21.62
CA GLY A 546 33.47 -12.69 -23.05
C GLY A 546 32.62 -11.50 -23.44
N VAL A 547 32.38 -10.58 -22.52
CA VAL A 547 31.64 -9.40 -22.83
C VAL A 547 32.54 -8.20 -23.11
N ASN A 548 32.44 -7.69 -24.33
CA ASN A 548 33.22 -6.55 -24.85
C ASN A 548 32.47 -5.26 -24.90
N ARG A 549 31.16 -5.39 -25.05
CA ARG A 549 30.27 -4.26 -25.13
C ARG A 549 30.60 -3.18 -24.14
N PRO A 550 30.25 -1.96 -24.50
CA PRO A 550 30.52 -0.85 -23.58
C PRO A 550 29.71 -0.99 -22.31
N HIS A 551 30.23 -0.39 -21.23
CA HIS A 551 29.61 -0.57 -19.93
C HIS A 551 28.31 0.22 -19.81
N ASP A 552 28.35 1.51 -20.19
CA ASP A 552 27.16 2.34 -20.06
C ASP A 552 26.03 1.85 -20.95
N GLU A 553 26.34 1.23 -22.08
CA GLU A 553 25.28 0.71 -22.94
C GLU A 553 24.57 -0.48 -22.28
N ILE A 554 25.32 -1.36 -21.63
CA ILE A 554 24.70 -2.44 -20.87
C ILE A 554 23.89 -1.87 -19.72
N ALA A 555 24.42 -0.86 -19.02
CA ALA A 555 23.70 -0.25 -17.92
C ALA A 555 22.35 0.30 -18.38
N LYS A 556 22.31 0.90 -19.58
CA LYS A 556 21.07 1.45 -20.10
C LYS A 556 20.04 0.35 -20.37
N GLU A 557 20.47 -0.71 -21.04
CA GLU A 557 19.54 -1.81 -21.32
C GLU A 557 18.99 -2.39 -20.03
N CYS A 558 19.77 -2.34 -18.94
CA CYS A 558 19.31 -2.84 -17.65
C CYS A 558 18.30 -1.89 -17.01
N VAL A 559 18.61 -0.60 -17.00
CA VAL A 559 17.63 0.39 -16.54
C VAL A 559 16.32 0.20 -17.29
N LYS A 560 16.42 -0.08 -18.58
CA LYS A 560 15.22 -0.23 -19.40
C LYS A 560 14.54 -1.58 -19.15
N LEU A 561 15.32 -2.61 -18.83
CA LEU A 561 14.70 -3.92 -18.55
C LEU A 561 13.91 -3.89 -17.26
N VAL A 562 14.42 -3.21 -16.22
CA VAL A 562 13.67 -3.09 -14.98
C VAL A 562 12.37 -2.33 -15.21
N ARG A 563 12.43 -1.28 -16.03
CA ARG A 563 11.22 -0.51 -16.33
C ARG A 563 10.19 -1.37 -17.05
N GLU A 564 10.65 -2.30 -17.90
CA GLU A 564 9.73 -3.12 -18.68
C GLU A 564 9.21 -4.32 -17.91
N LYS A 565 10.02 -4.86 -17.02
CA LYS A 565 9.65 -6.07 -16.30
C LYS A 565 9.02 -5.76 -14.96
N ILE A 566 9.48 -4.72 -14.27
CA ILE A 566 8.91 -4.35 -12.97
C ILE A 566 7.94 -3.20 -13.19
N GLY A 567 8.45 -2.11 -13.74
CA GLY A 567 7.63 -0.97 -14.05
C GLY A 567 8.34 0.31 -13.70
N PRO A 568 7.81 1.43 -14.20
CA PRO A 568 8.35 2.74 -13.81
C PRO A 568 8.40 2.94 -12.30
N VAL A 569 7.48 2.33 -11.56
CA VAL A 569 7.41 2.55 -10.12
C VAL A 569 8.70 2.10 -9.42
N ALA A 570 9.43 1.15 -10.02
CA ALA A 570 10.69 0.70 -9.43
C ALA A 570 11.70 1.82 -9.30
N ALA A 571 11.53 2.91 -10.06
CA ALA A 571 12.40 4.09 -9.96
C ALA A 571 13.88 3.72 -10.13
N PHE A 572 14.16 2.75 -10.99
CA PHE A 572 15.52 2.23 -11.12
C PHE A 572 16.24 2.97 -12.24
N LYS A 573 17.12 3.90 -11.85
CA LYS A 573 17.86 4.76 -12.77
C LYS A 573 19.37 4.66 -12.67
N LEU A 574 19.91 4.19 -11.53
CA LEU A 574 21.35 4.17 -11.27
C LEU A 574 21.84 2.73 -11.36
N ALA A 575 22.53 2.40 -12.46
CA ALA A 575 23.20 1.11 -12.60
C ALA A 575 24.66 1.35 -12.96
N CYS A 576 25.53 0.47 -12.48
CA CYS A 576 26.94 0.59 -12.79
C CYS A 576 27.54 -0.82 -12.91
N VAL A 577 28.76 -0.87 -13.42
CA VAL A 577 29.43 -2.11 -13.74
C VAL A 577 30.66 -2.24 -12.85
N VAL A 578 30.84 -3.42 -12.24
CA VAL A 578 31.99 -3.68 -11.36
C VAL A 578 32.59 -5.03 -11.72
N ASP A 579 33.86 -5.20 -11.32
CA ASP A 579 34.57 -6.46 -11.54
C ASP A 579 33.94 -7.58 -10.72
N ARG A 580 33.65 -7.31 -9.44
CA ARG A 580 33.16 -8.36 -8.57
C ARG A 580 32.49 -7.73 -7.35
N LEU A 581 31.66 -8.54 -6.70
CA LEU A 581 30.84 -8.18 -5.55
C LEU A 581 31.43 -8.76 -4.26
N PRO A 582 31.41 -7.99 -3.17
CA PRO A 582 31.93 -8.51 -1.89
C PRO A 582 31.02 -9.58 -1.32
N LYS A 583 31.60 -10.69 -0.89
CA LYS A 583 30.83 -11.84 -0.43
C LYS A 583 31.43 -12.42 0.84
N THR A 584 30.59 -13.14 1.58
CA THR A 584 31.02 -13.92 2.74
C THR A 584 31.49 -15.30 2.29
N ARG A 585 31.94 -16.10 3.25
CA ARG A 585 32.45 -17.44 2.92
C ARG A 585 31.38 -18.30 2.29
N SER A 586 30.13 -18.19 2.75
CA SER A 586 29.04 -18.94 2.13
C SER A 586 28.55 -18.32 0.83
N GLY A 587 29.18 -17.25 0.34
CA GLY A 587 28.82 -16.65 -0.92
C GLY A 587 27.79 -15.54 -0.84
N LYS A 588 27.28 -15.23 0.35
CA LYS A 588 26.29 -14.17 0.51
C LYS A 588 26.90 -12.82 0.17
N ILE A 589 26.18 -12.02 -0.61
CA ILE A 589 26.64 -10.69 -1.02
C ILE A 589 26.45 -9.74 0.15
N LEU A 590 27.48 -8.95 0.44
CA LEU A 590 27.48 -8.04 1.59
C LEU A 590 26.82 -6.71 1.21
N ARG A 591 25.51 -6.79 0.98
CA ARG A 591 24.75 -5.60 0.58
C ARG A 591 24.73 -4.54 1.67
N GLY A 592 24.65 -4.97 2.94
CA GLY A 592 24.63 -4.01 4.03
C GLY A 592 25.86 -3.12 4.08
N THR A 593 27.01 -3.66 3.68
CA THR A 593 28.24 -2.87 3.73
C THR A 593 28.27 -1.87 2.59
N MET A 594 27.81 -2.27 1.40
CA MET A 594 27.77 -1.35 0.27
C MET A 594 26.83 -0.19 0.53
N VAL A 595 25.72 -0.44 1.23
CA VAL A 595 24.80 0.62 1.60
C VAL A 595 25.49 1.66 2.48
N ASN A 596 26.20 1.20 3.51
CA ASN A 596 26.89 2.13 4.41
C ASN A 596 27.94 2.92 3.67
N ILE A 597 28.65 2.29 2.73
CA ILE A 597 29.62 3.02 1.92
C ILE A 597 28.93 4.07 1.07
N ALA A 598 27.84 3.68 0.39
CA ALA A 598 27.09 4.62 -0.43
C ALA A 598 26.54 5.78 0.41
N ASP A 599 26.04 5.47 1.61
CA ASP A 599 25.45 6.50 2.46
C ASP A 599 26.49 7.29 3.25
N GLY A 600 27.76 6.92 3.20
CA GLY A 600 28.75 7.54 4.06
C GLY A 600 28.48 7.38 5.54
N THR A 601 27.90 6.24 5.88
CA THR A 601 27.63 5.94 7.26
C THR A 601 28.63 4.92 7.79
N PRO A 602 28.67 4.81 9.16
CA PRO A 602 29.69 3.88 9.67
C PRO A 602 29.51 2.43 9.41
N TRP A 603 30.63 1.75 9.30
CA TRP A 603 30.64 0.31 9.12
C TRP A 603 31.92 -0.34 9.60
N LYS A 604 31.85 -1.64 9.80
CA LYS A 604 32.96 -2.45 10.25
C LYS A 604 33.25 -3.45 9.18
N MET A 605 34.51 -3.59 8.84
CA MET A 605 34.92 -4.50 7.82
C MET A 605 34.33 -5.86 8.13
N PRO A 606 33.67 -6.47 7.17
CA PRO A 606 33.08 -7.79 7.42
C PRO A 606 34.11 -8.82 7.83
N ALA A 607 33.69 -9.75 8.68
CA ALA A 607 34.62 -10.68 9.31
C ALA A 607 34.93 -11.92 8.47
N THR A 608 34.08 -12.24 7.49
CA THR A 608 34.31 -13.41 6.65
C THR A 608 34.35 -13.04 5.17
N ILE A 609 34.71 -11.79 4.87
CA ILE A 609 34.72 -11.32 3.49
C ILE A 609 35.83 -12.00 2.71
N ASP A 610 35.55 -12.35 1.45
CA ASP A 610 36.53 -13.05 0.63
C ASP A 610 37.78 -12.20 0.41
N ASP A 611 37.62 -11.04 -0.22
CA ASP A 611 38.73 -10.13 -0.50
C ASP A 611 38.34 -8.74 -0.06
N PRO A 612 38.99 -8.19 0.98
CA PRO A 612 38.64 -6.83 1.42
C PRO A 612 38.83 -5.77 0.34
N ALA A 613 39.77 -5.96 -0.57
CA ALA A 613 40.02 -4.96 -1.61
C ALA A 613 38.80 -4.71 -2.49
N ILE A 614 37.86 -5.65 -2.53
CA ILE A 614 36.66 -5.48 -3.35
C ILE A 614 35.93 -4.20 -2.95
N LEU A 615 35.91 -3.89 -1.65
CA LEU A 615 35.17 -2.72 -1.19
C LEU A 615 35.83 -1.41 -1.60
N ASP A 616 37.12 -1.43 -1.95
CA ASP A 616 37.71 -0.26 -2.59
C ASP A 616 37.18 -0.08 -4.00
N GLU A 617 37.07 -1.17 -4.75
CA GLU A 617 36.48 -1.11 -6.08
C GLU A 617 35.03 -0.67 -6.02
N ILE A 618 34.27 -1.21 -5.07
CA ILE A 618 32.88 -0.80 -4.89
C ILE A 618 32.82 0.69 -4.54
N THR A 619 33.74 1.15 -3.67
CA THR A 619 33.77 2.57 -3.31
C THR A 619 34.04 3.44 -4.53
N GLU A 620 34.87 2.97 -5.45
CA GLU A 620 35.17 3.75 -6.66
C GLU A 620 33.97 3.78 -7.61
N ALA A 621 33.25 2.67 -7.72
CA ALA A 621 32.05 2.64 -8.55
C ALA A 621 30.98 3.60 -8.00
N LEU A 622 30.86 3.68 -6.67
CA LEU A 622 29.86 4.56 -6.06
C LEU A 622 30.23 6.04 -6.23
N GLY A 623 31.50 6.38 -6.08
CA GLY A 623 31.92 7.76 -6.28
C GLY A 623 31.68 8.24 -7.70
N LYS A 624 31.83 7.34 -8.69
CA LYS A 624 31.53 7.70 -10.06
C LYS A 624 30.05 8.05 -10.24
N LEU A 625 29.17 7.41 -9.48
CA LEU A 625 27.76 7.74 -9.52
C LEU A 625 27.38 8.86 -8.57
N GLY A 626 28.35 9.42 -7.86
CA GLY A 626 28.11 10.53 -6.97
C GLY A 626 27.99 10.18 -5.50
N TYR A 627 28.14 8.91 -5.14
CA TYR A 627 27.93 8.48 -3.76
C TYR A 627 29.24 8.14 -3.03
N PRO A 628 29.41 8.65 -1.80
CA PRO A 628 28.46 9.56 -1.16
C PRO A 628 28.70 11.02 -1.53
#